data_9P45
#
_entry.id   9P45
#
_cell.length_a   79.610
_cell.length_b   79.610
_cell.length_c   57.810
_cell.angle_alpha   90.00
_cell.angle_beta   90.00
_cell.angle_gamma   90.00
#
_symmetry.space_group_name_H-M   'P 41 21 2'
#
loop_
_entity.id
_entity.type
_entity.pdbx_description
1 polymer 'Isoform 2B of GTPase KRas'
2 non-polymer 'PHOSPHOAMINOPHOSPHONIC ACID-GUANYLATE ESTER'
3 non-polymer 'MAGNESIUM ION'
4 non-polymer 'methyl (3S)-3-{[(7P)-7-(2-amino-3-cyano-7-fluoro-1-benzothiophen-4-yl)-8-fluoro-2-{[(2R,4R,7aS)-2-fluorotetrahydro-1H-pyrrolizin-7a(5H)-yl]methoxy}-6-(trifluoromethyl)quinazolin-4-yl](ethyl)amino}pyrrolidine-1-carboxylate'
5 water water
#
_entity_poly.entity_id   1
_entity_poly.type   'polypeptide(L)'
_entity_poly.pdbx_seq_one_letter_code
;GMTEYKLVVVGADGVGKSALTIQLIQNHFVDEYDPTIEDSYRKQVVIDGETCLLDILDTAGQEEYSAMRDQYMRTGEGFL
CVFAINNTKSFEDIHHYREQIKRVKDSEDVPMVLVGNKSDLPSRTVDTKQAQDLARSYGIPFIETSAKTRQGVDDAFYTL
VREIRKHKEK
;
_entity_poly.pdbx_strand_id   A
#
loop_
_chem_comp.id
_chem_comp.type
_chem_comp.name
_chem_comp.formula
A1CG4 non-polymer 'methyl (3S)-3-{[(7P)-7-(2-amino-3-cyano-7-fluoro-1-benzothiophen-4-yl)-8-fluoro-2-{[(2R,4R,7aS)-2-fluorotetrahydro-1H-pyrrolizin-7a(5H)-yl]methoxy}-6-(trifluoromethyl)quinazolin-4-yl](ethyl)amino}pyrrolidine-1-carboxylate' 'C34 H33 F6 N7 O3 S'
GNP non-polymer 'PHOSPHOAMINOPHOSPHONIC ACID-GUANYLATE ESTER' 'C10 H17 N6 O13 P3'
MG non-polymer 'MAGNESIUM ION' 'Mg 2'
#
# COMPACT_ATOMS: atom_id res chain seq x y z
N MET A 2 -7.97 19.33 -10.81
CA MET A 2 -7.26 18.09 -11.10
C MET A 2 -7.72 16.96 -10.17
N THR A 3 -7.92 15.76 -10.72
CA THR A 3 -8.39 14.65 -9.91
C THR A 3 -7.32 14.21 -8.93
N GLU A 4 -7.69 14.09 -7.66
CA GLU A 4 -6.79 13.65 -6.61
CA GLU A 4 -6.79 13.65 -6.61
C GLU A 4 -7.19 12.27 -6.11
N TYR A 5 -6.21 11.42 -5.85
CA TYR A 5 -6.40 10.08 -5.31
C TYR A 5 -5.70 9.98 -3.97
N LYS A 6 -6.45 9.62 -2.93
CA LYS A 6 -5.92 9.49 -1.58
C LYS A 6 -5.60 8.03 -1.31
N LEU A 7 -4.31 7.70 -1.39
CA LEU A 7 -3.82 6.34 -1.21
C LEU A 7 -3.17 6.22 0.16
N VAL A 8 -3.30 5.04 0.76
CA VAL A 8 -2.77 4.78 2.08
C VAL A 8 -1.94 3.51 2.04
N VAL A 9 -0.71 3.57 2.56
CA VAL A 9 0.19 2.44 2.55
C VAL A 9 0.28 1.91 3.96
N VAL A 10 -0.09 0.64 4.15
CA VAL A 10 -0.16 0.00 5.46
C VAL A 10 0.59 -1.31 5.45
N GLY A 11 0.91 -1.79 6.65
CA GLY A 11 1.59 -3.08 6.81
C GLY A 11 2.58 -3.04 7.95
N ALA A 12 3.16 -4.19 8.29
CA ALA A 12 3.98 -4.35 9.48
C ALA A 12 5.25 -3.49 9.43
N ASP A 13 5.80 -3.26 10.62
CA ASP A 13 7.08 -2.59 10.75
C ASP A 13 8.11 -3.24 9.84
N GLY A 14 8.78 -2.43 9.04
CA GLY A 14 9.93 -2.86 8.30
C GLY A 14 9.67 -3.47 6.95
N VAL A 15 8.42 -3.50 6.48
CA VAL A 15 8.13 -4.18 5.22
C VAL A 15 8.52 -3.37 3.98
N GLY A 16 8.66 -2.05 4.11
CA GLY A 16 9.02 -1.18 3.01
C GLY A 16 7.92 -0.21 2.61
N LYS A 17 7.03 0.18 3.52
CA LYS A 17 6.00 1.20 3.20
C LYS A 17 6.63 2.51 2.75
N SER A 18 7.59 3.00 3.54
CA SER A 18 8.28 4.24 3.20
C SER A 18 9.09 4.09 1.92
N ALA A 19 9.78 2.96 1.76
CA ALA A 19 10.61 2.78 0.59
C ALA A 19 9.76 2.78 -0.67
N LEU A 20 8.61 2.12 -0.63
CA LEU A 20 7.75 2.11 -1.81
C LEU A 20 7.28 3.53 -2.14
N THR A 21 6.88 4.28 -1.11
CA THR A 21 6.39 5.63 -1.31
C THR A 21 7.50 6.53 -1.84
N ILE A 22 8.68 6.48 -1.23
CA ILE A 22 9.78 7.36 -1.63
C ILE A 22 10.25 7.02 -3.03
N GLN A 23 10.27 5.75 -3.39
CA GLN A 23 10.64 5.37 -4.75
C GLN A 23 9.65 5.95 -5.75
N LEU A 24 8.34 5.79 -5.47
CA LEU A 24 7.33 6.34 -6.36
C LEU A 24 7.48 7.85 -6.52
N ILE A 25 7.59 8.55 -5.39
CA ILE A 25 7.55 10.02 -5.38
C ILE A 25 8.88 10.64 -5.79
N GLN A 26 9.99 10.21 -5.15
CA GLN A 26 11.30 10.84 -5.30
C GLN A 26 12.28 10.02 -6.13
N ASN A 27 11.87 8.85 -6.64
CA ASN A 27 12.67 8.07 -7.58
C ASN A 27 13.98 7.53 -6.99
N HIS A 28 14.03 7.27 -5.69
CA HIS A 28 15.18 6.60 -5.11
C HIS A 28 14.75 5.83 -3.86
N PHE A 29 15.71 5.16 -3.26
CA PHE A 29 15.47 4.22 -2.16
C PHE A 29 15.55 4.93 -0.80
N VAL A 30 14.86 4.36 0.18
CA VAL A 30 14.80 4.92 1.54
C VAL A 30 16.18 4.83 2.19
N ASP A 31 16.48 5.75 3.11
CA ASP A 31 17.75 5.67 3.83
C ASP A 31 17.59 6.22 5.24
N GLU A 32 18.72 6.33 5.94
CA GLU A 32 18.74 6.67 7.36
C GLU A 32 18.33 8.11 7.65
N TYR A 33 18.04 8.94 6.65
CA TYR A 33 17.64 10.33 6.85
C TYR A 33 16.16 10.56 6.57
N ASP A 34 15.43 9.55 6.15
CA ASP A 34 14.05 9.77 5.78
C ASP A 34 13.13 9.74 6.99
N PRO A 35 11.92 10.29 6.84
CA PRO A 35 11.03 10.47 7.98
C PRO A 35 10.55 9.12 8.48
N THR A 36 10.63 8.92 9.80
CA THR A 36 9.99 7.76 10.38
C THR A 36 8.72 8.07 11.13
N ILE A 37 8.37 9.33 11.30
CA ILE A 37 7.02 9.64 11.75
C ILE A 37 6.07 9.53 10.57
N GLU A 38 4.79 9.43 10.87
CA GLU A 38 3.81 9.36 9.80
C GLU A 38 3.86 10.63 8.97
N ASP A 39 3.75 10.48 7.65
CA ASP A 39 3.84 11.65 6.78
C ASP A 39 3.14 11.33 5.47
N SER A 40 2.83 12.38 4.73
CA SER A 40 2.15 12.26 3.45
C SER A 40 2.99 12.89 2.34
N TYR A 41 2.91 12.28 1.16
CA TYR A 41 3.64 12.73 -0.02
C TYR A 41 2.65 13.04 -1.15
N ARG A 42 3.06 13.88 -2.09
CA ARG A 42 2.18 14.29 -3.18
C ARG A 42 2.96 14.35 -4.48
N LYS A 43 2.32 13.93 -5.58
CA LYS A 43 2.96 14.01 -6.88
C LYS A 43 1.90 13.95 -7.98
N GLN A 44 2.03 14.86 -8.95
CA GLN A 44 1.22 14.84 -10.17
C GLN A 44 1.86 13.89 -11.19
N VAL A 45 1.07 12.94 -11.68
CA VAL A 45 1.52 11.94 -12.64
C VAL A 45 0.49 11.87 -13.74
N VAL A 46 0.79 11.08 -14.77
CA VAL A 46 -0.13 10.80 -15.86
C VAL A 46 -0.35 9.30 -15.88
N ILE A 47 -1.60 8.87 -15.70
CA ILE A 47 -1.98 7.47 -15.68
C ILE A 47 -3.00 7.26 -16.78
N ASP A 48 -2.70 6.37 -17.70
CA ASP A 48 -3.58 6.10 -18.85
C ASP A 48 -3.96 7.38 -19.58
N GLY A 49 -2.99 8.29 -19.72
CA GLY A 49 -3.18 9.52 -20.45
C GLY A 49 -3.89 10.64 -19.69
N GLU A 50 -4.30 10.42 -18.45
CA GLU A 50 -4.99 11.44 -17.67
C GLU A 50 -4.07 11.93 -16.56
N THR A 51 -3.99 13.25 -16.42
CA THR A 51 -3.22 13.84 -15.35
C THR A 51 -3.99 13.76 -14.05
N CYS A 52 -3.28 13.38 -12.99
CA CYS A 52 -3.93 13.33 -11.68
C CYS A 52 -2.87 13.54 -10.62
N LEU A 53 -3.34 13.76 -9.39
CA LEU A 53 -2.48 14.05 -8.26
C LEU A 53 -2.62 12.91 -7.28
N LEU A 54 -1.51 12.30 -6.89
CA LEU A 54 -1.51 11.23 -5.91
C LEU A 54 -1.14 11.83 -4.57
N ASP A 55 -1.95 11.57 -3.56
CA ASP A 55 -1.66 11.95 -2.18
C ASP A 55 -1.50 10.64 -1.43
N ILE A 56 -0.29 10.39 -0.94
CA ILE A 56 0.07 9.08 -0.40
C ILE A 56 0.38 9.23 1.09
N LEU A 57 -0.39 8.52 1.92
CA LEU A 57 -0.16 8.47 3.36
C LEU A 57 0.73 7.28 3.69
N ASP A 58 1.92 7.58 4.19
CA ASP A 58 2.91 6.58 4.57
C ASP A 58 2.78 6.37 6.07
N THR A 59 2.06 5.33 6.48
CA THR A 59 1.64 5.21 7.88
C THR A 59 2.79 4.86 8.83
N ALA A 60 2.67 5.36 10.06
CA ALA A 60 3.65 5.12 11.11
C ALA A 60 3.02 5.53 12.43
N GLY A 61 3.70 5.18 13.51
CA GLY A 61 3.28 5.55 14.84
C GLY A 61 2.76 4.37 15.63
N GLN A 62 1.88 4.67 16.57
CA GLN A 62 1.34 3.64 17.44
C GLN A 62 0.11 3.01 16.82
N GLU A 63 -0.06 1.72 17.09
CA GLU A 63 -1.32 1.04 16.81
C GLU A 63 -2.33 1.48 17.86
N GLU A 64 -3.45 2.06 17.42
CA GLU A 64 -4.48 2.44 18.39
C GLU A 64 -5.81 2.60 17.70
N TYR A 65 -6.87 2.44 18.46
CA TYR A 65 -8.24 2.33 17.95
C TYR A 65 -9.16 3.40 18.52
N SER A 66 -8.62 4.61 18.70
CA SER A 66 -9.44 5.76 19.01
C SER A 66 -10.43 6.06 17.88
N ALA A 67 -11.50 6.79 18.23
CA ALA A 67 -12.44 7.26 17.22
C ALA A 67 -11.74 8.12 16.19
N MET A 68 -10.79 8.95 16.64
CA MET A 68 -10.07 9.82 15.71
C MET A 68 -9.29 9.00 14.69
N ARG A 69 -8.53 8.00 15.15
CA ARG A 69 -7.72 7.23 14.21
C ARG A 69 -8.60 6.47 13.22
N ASP A 70 -9.69 5.86 13.70
CA ASP A 70 -10.62 5.17 12.82
C ASP A 70 -11.16 6.10 11.75
N GLN A 71 -11.64 7.28 12.18
CA GLN A 71 -12.23 8.24 11.26
C GLN A 71 -11.21 8.70 10.23
N TYR A 72 -9.97 8.91 10.66
CA TYR A 72 -8.91 9.34 9.75
C TYR A 72 -8.66 8.29 8.68
N MET A 73 -8.56 7.02 9.08
CA MET A 73 -8.29 5.97 8.11
CA MET A 73 -8.28 5.97 8.11
C MET A 73 -9.47 5.77 7.16
N ARG A 74 -10.68 6.02 7.66
CA ARG A 74 -11.89 5.98 6.84
C ARG A 74 -11.78 6.87 5.61
N THR A 75 -10.99 7.95 5.69
CA THR A 75 -10.87 8.88 4.56
C THR A 75 -9.99 8.35 3.42
N GLY A 76 -9.20 7.30 3.64
CA GLY A 76 -8.39 6.79 2.54
C GLY A 76 -9.27 6.16 1.48
N GLU A 77 -8.95 6.40 0.21
CA GLU A 77 -9.74 5.89 -0.91
C GLU A 77 -9.28 4.52 -1.38
N GLY A 78 -8.03 4.16 -1.12
CA GLY A 78 -7.52 2.84 -1.44
C GLY A 78 -6.30 2.56 -0.63
N PHE A 79 -6.01 1.27 -0.44
CA PHE A 79 -4.96 0.82 0.47
C PHE A 79 -3.99 -0.13 -0.22
N LEU A 80 -2.69 0.14 -0.09
CA LEU A 80 -1.69 -0.88 -0.38
C LEU A 80 -1.42 -1.62 0.92
N CYS A 81 -1.64 -2.92 0.93
CA CYS A 81 -1.37 -3.75 2.09
C CYS A 81 -0.08 -4.49 1.81
N VAL A 82 0.97 -4.10 2.50
CA VAL A 82 2.34 -4.50 2.18
C VAL A 82 2.86 -5.52 3.19
N PHE A 83 3.43 -6.59 2.69
CA PHE A 83 4.25 -7.50 3.48
C PHE A 83 5.62 -7.64 2.80
N ALA A 84 6.57 -8.25 3.49
CA ALA A 84 7.89 -8.54 2.94
C ALA A 84 8.03 -10.04 2.71
N ILE A 85 8.54 -10.42 1.53
CA ILE A 85 8.52 -11.81 1.10
C ILE A 85 9.48 -12.68 1.89
N ASN A 86 10.33 -12.09 2.72
CA ASN A 86 11.19 -12.83 3.61
C ASN A 86 10.75 -12.75 5.07
N ASN A 87 9.52 -12.31 5.34
CA ASN A 87 9.04 -12.05 6.71
C ASN A 87 7.64 -12.66 6.78
N THR A 88 7.58 -13.92 7.21
CA THR A 88 6.30 -14.61 7.23
C THR A 88 5.31 -13.97 8.20
N LYS A 89 5.81 -13.41 9.31
CA LYS A 89 4.88 -12.76 10.23
C LYS A 89 4.21 -11.56 9.57
N SER A 90 4.96 -10.79 8.78
CA SER A 90 4.35 -9.65 8.09
C SER A 90 3.24 -10.11 7.16
N PHE A 91 3.40 -11.29 6.55
CA PHE A 91 2.37 -11.83 5.67
C PHE A 91 1.17 -12.32 6.47
N GLU A 92 1.43 -12.99 7.59
CA GLU A 92 0.35 -13.46 8.43
C GLU A 92 -0.43 -12.33 9.06
N ASP A 93 0.16 -11.13 9.16
CA ASP A 93 -0.53 -9.96 9.69
C ASP A 93 -1.45 -9.31 8.66
N ILE A 94 -1.35 -9.68 7.39
CA ILE A 94 -2.12 -8.96 6.37
C ILE A 94 -3.61 -9.02 6.68
N HIS A 95 -4.10 -10.16 7.17
CA HIS A 95 -5.53 -10.25 7.43
C HIS A 95 -5.97 -9.20 8.45
N HIS A 96 -5.10 -8.89 9.42
CA HIS A 96 -5.40 -7.88 10.43
C HIS A 96 -5.58 -6.49 9.81
N TYR A 97 -4.68 -6.10 8.89
CA TYR A 97 -4.83 -4.81 8.23
C TYR A 97 -6.11 -4.75 7.42
N ARG A 98 -6.40 -5.81 6.67
CA ARG A 98 -7.63 -5.82 5.89
C ARG A 98 -8.87 -5.76 6.80
N GLU A 99 -8.84 -6.47 7.92
CA GLU A 99 -9.97 -6.44 8.87
C GLU A 99 -10.22 -5.02 9.37
N GLN A 100 -9.16 -4.28 9.67
CA GLN A 100 -9.36 -2.92 10.16
C GLN A 100 -9.87 -2.00 9.07
N ILE A 101 -9.38 -2.14 7.83
CA ILE A 101 -9.90 -1.34 6.72
C ILE A 101 -11.38 -1.60 6.54
N LYS A 102 -11.77 -2.86 6.48
CA LYS A 102 -13.18 -3.21 6.25
C LYS A 102 -14.05 -2.69 7.39
N ARG A 103 -13.54 -2.75 8.62
CA ARG A 103 -14.32 -2.30 9.77
C ARG A 103 -14.63 -0.81 9.70
N VAL A 104 -13.62 0.03 9.47
CA VAL A 104 -13.83 1.47 9.49
C VAL A 104 -14.56 1.95 8.24
N LYS A 105 -14.32 1.31 7.09
CA LYS A 105 -15.05 1.67 5.88
C LYS A 105 -16.45 1.07 5.85
N ASP A 106 -16.75 0.17 6.78
CA ASP A 106 -18.05 -0.51 6.85
C ASP A 106 -18.48 -0.96 5.45
N SER A 107 -17.65 -1.83 4.88
CA SER A 107 -17.80 -2.29 3.51
C SER A 107 -16.72 -3.32 3.23
N GLU A 108 -17.08 -4.38 2.50
CA GLU A 108 -16.05 -5.31 2.03
C GLU A 108 -15.45 -4.86 0.71
N ASP A 109 -16.01 -3.84 0.07
CA ASP A 109 -15.61 -3.43 -1.27
C ASP A 109 -14.82 -2.13 -1.17
N VAL A 110 -13.56 -2.26 -0.79
CA VAL A 110 -12.64 -1.14 -0.67
C VAL A 110 -11.49 -1.40 -1.63
N PRO A 111 -11.06 -0.43 -2.43
CA PRO A 111 -9.90 -0.67 -3.30
C PRO A 111 -8.66 -1.02 -2.48
N MET A 112 -8.02 -2.11 -2.89
CA MET A 112 -6.89 -2.64 -2.14
C MET A 112 -5.99 -3.43 -3.08
N VAL A 113 -4.70 -3.44 -2.78
CA VAL A 113 -3.72 -4.25 -3.51
C VAL A 113 -2.85 -4.93 -2.46
N LEU A 114 -2.61 -6.21 -2.62
CA LEU A 114 -1.65 -6.94 -1.79
C LEU A 114 -0.28 -6.81 -2.44
N VAL A 115 0.68 -6.26 -1.71
CA VAL A 115 2.02 -6.00 -2.21
C VAL A 115 3.00 -6.86 -1.45
N GLY A 116 3.71 -7.73 -2.16
CA GLY A 116 4.82 -8.49 -1.61
C GLY A 116 6.11 -7.82 -1.97
N ASN A 117 6.69 -7.10 -1.02
CA ASN A 117 7.87 -6.28 -1.26
C ASN A 117 9.16 -7.04 -0.94
N LYS A 118 10.27 -6.47 -1.41
CA LYS A 118 11.62 -7.02 -1.24
C LYS A 118 11.89 -8.20 -2.18
N SER A 119 11.29 -8.16 -3.37
CA SER A 119 11.42 -9.23 -4.33
C SER A 119 12.84 -9.40 -4.84
N ASP A 120 13.71 -8.41 -4.61
CA ASP A 120 15.12 -8.51 -4.94
C ASP A 120 15.87 -9.43 -3.99
N LEU A 121 15.31 -9.77 -2.84
CA LEU A 121 16.03 -10.67 -1.96
C LEU A 121 15.96 -12.11 -2.48
N PRO A 122 16.95 -12.94 -2.16
CA PRO A 122 16.90 -14.34 -2.58
C PRO A 122 16.25 -15.25 -1.54
N SER A 123 16.30 -14.83 -0.28
CA SER A 123 15.89 -15.67 0.86
C SER A 123 14.38 -15.52 1.12
N ARG A 124 13.58 -15.96 0.16
CA ARG A 124 12.13 -15.81 0.27
C ARG A 124 11.52 -16.91 1.13
N THR A 125 10.62 -16.52 2.04
CA THR A 125 9.92 -17.44 2.93
C THR A 125 8.41 -17.47 2.70
N VAL A 126 7.88 -16.51 1.96
CA VAL A 126 6.51 -16.54 1.48
C VAL A 126 6.59 -16.74 -0.02
N ASP A 127 6.07 -17.85 -0.52
CA ASP A 127 6.20 -18.06 -1.96
C ASP A 127 5.04 -17.43 -2.72
N THR A 128 5.24 -17.31 -4.02
CA THR A 128 4.26 -16.59 -4.83
C THR A 128 2.88 -17.25 -4.76
N LYS A 129 2.83 -18.58 -4.73
CA LYS A 129 1.53 -19.25 -4.69
C LYS A 129 0.79 -18.95 -3.40
N GLN A 130 1.49 -18.93 -2.26
CA GLN A 130 0.88 -18.53 -0.99
C GLN A 130 0.23 -17.16 -1.10
N ALA A 131 0.99 -16.20 -1.63
CA ALA A 131 0.47 -14.84 -1.67
C ALA A 131 -0.68 -14.72 -2.66
N GLN A 132 -0.58 -15.39 -3.80
CA GLN A 132 -1.68 -15.39 -4.76
C GLN A 132 -2.94 -16.00 -4.16
N ASP A 133 -2.78 -17.08 -3.40
CA ASP A 133 -3.94 -17.72 -2.77
C ASP A 133 -4.62 -16.75 -1.83
N LEU A 134 -3.84 -16.04 -1.02
CA LEU A 134 -4.44 -15.12 -0.08
C LEU A 134 -5.12 -13.96 -0.80
N ALA A 135 -4.45 -13.41 -1.80
CA ALA A 135 -5.03 -12.33 -2.60
C ALA A 135 -6.34 -12.77 -3.25
N ARG A 136 -6.37 -13.99 -3.82
CA ARG A 136 -7.58 -14.48 -4.45
C ARG A 136 -8.68 -14.66 -3.42
N SER A 137 -8.32 -15.06 -2.20
CA SER A 137 -9.35 -15.23 -1.17
C SER A 137 -10.03 -13.91 -0.82
N TYR A 138 -9.35 -12.78 -1.00
CA TYR A 138 -9.89 -11.45 -0.74
C TYR A 138 -10.42 -10.75 -1.98
N GLY A 139 -10.18 -11.30 -3.17
CA GLY A 139 -10.57 -10.64 -4.39
C GLY A 139 -9.75 -9.41 -4.71
N ILE A 140 -8.46 -9.41 -4.38
CA ILE A 140 -7.60 -8.25 -4.63
C ILE A 140 -6.39 -8.69 -5.43
N PRO A 141 -5.77 -7.79 -6.20
CA PRO A 141 -4.56 -8.15 -6.94
C PRO A 141 -3.40 -8.38 -6.00
N PHE A 142 -2.49 -9.23 -6.43
CA PHE A 142 -1.18 -9.39 -5.80
C PHE A 142 -0.10 -8.90 -6.75
N ILE A 143 0.73 -7.98 -6.29
CA ILE A 143 1.82 -7.45 -7.10
C ILE A 143 3.11 -7.58 -6.29
N GLU A 144 4.10 -8.24 -6.87
CA GLU A 144 5.41 -8.37 -6.24
C GLU A 144 6.23 -7.13 -6.60
N THR A 145 6.86 -6.53 -5.60
CA THR A 145 7.62 -5.29 -5.80
C THR A 145 9.00 -5.41 -5.20
N SER A 146 9.89 -4.54 -5.70
CA SER A 146 11.13 -4.20 -5.01
C SER A 146 11.24 -2.69 -5.00
N ALA A 147 11.12 -2.08 -3.82
CA ALA A 147 11.36 -0.65 -3.70
C ALA A 147 12.80 -0.30 -4.01
N LYS A 148 13.70 -1.28 -3.94
CA LYS A 148 15.10 -1.01 -4.21
C LYS A 148 15.38 -0.92 -5.71
N THR A 149 14.81 -1.83 -6.52
CA THR A 149 15.07 -1.83 -7.96
C THR A 149 13.98 -1.16 -8.78
N ARG A 150 12.88 -0.80 -8.14
CA ARG A 150 11.67 -0.19 -8.70
C ARG A 150 10.75 -1.22 -9.35
N GLN A 151 11.11 -2.49 -9.39
CA GLN A 151 10.26 -3.49 -10.02
C GLN A 151 8.87 -3.46 -9.39
N GLY A 152 7.83 -3.35 -10.22
CA GLY A 152 6.47 -3.47 -9.77
C GLY A 152 5.90 -2.25 -9.06
N VAL A 153 6.70 -1.22 -8.79
CA VAL A 153 6.24 -0.13 -7.93
C VAL A 153 5.15 0.68 -8.63
N ASP A 154 5.42 1.13 -9.86
CA ASP A 154 4.37 1.86 -10.57
C ASP A 154 3.13 1.00 -10.74
N ASP A 155 3.30 -0.27 -11.09
CA ASP A 155 2.15 -1.15 -11.30
C ASP A 155 1.31 -1.26 -10.03
N ALA A 156 1.94 -1.38 -8.87
CA ALA A 156 1.19 -1.46 -7.62
C ALA A 156 0.33 -0.22 -7.39
N PHE A 157 0.95 0.97 -7.44
CA PHE A 157 0.22 2.21 -7.19
C PHE A 157 -0.79 2.49 -8.29
N TYR A 158 -0.42 2.27 -9.56
CA TYR A 158 -1.35 2.58 -10.64
C TYR A 158 -2.53 1.61 -10.62
N THR A 159 -2.30 0.33 -10.30
CA THR A 159 -3.43 -0.59 -10.18
C THR A 159 -4.40 -0.12 -9.11
N LEU A 160 -3.89 0.36 -7.98
CA LEU A 160 -4.79 0.88 -6.94
C LEU A 160 -5.57 2.09 -7.47
N VAL A 161 -4.91 2.98 -8.21
CA VAL A 161 -5.60 4.13 -8.78
C VAL A 161 -6.70 3.67 -9.73
N ARG A 162 -6.42 2.70 -10.60
CA ARG A 162 -7.45 2.27 -11.55
C ARG A 162 -8.65 1.70 -10.84
N GLU A 163 -8.41 1.01 -9.71
CA GLU A 163 -9.52 0.51 -8.91
C GLU A 163 -10.34 1.64 -8.33
N ILE A 164 -9.69 2.67 -7.77
CA ILE A 164 -10.42 3.81 -7.22
C ILE A 164 -11.18 4.54 -8.32
N ARG A 165 -10.51 4.74 -9.46
CA ARG A 165 -11.11 5.51 -10.56
C ARG A 165 -12.42 4.88 -10.98
N LYS A 166 -12.47 3.56 -11.07
CA LYS A 166 -13.69 2.87 -11.48
C LYS A 166 -14.72 2.92 -10.36
N HIS A 167 -14.29 2.61 -9.13
CA HIS A 167 -15.14 2.62 -7.95
C HIS A 167 -15.83 3.96 -7.78
N LYS A 168 -15.21 5.04 -8.25
CA LYS A 168 -15.84 6.35 -8.17
C LYS A 168 -16.87 6.56 -9.27
N GLU A 169 -16.66 5.97 -10.45
CA GLU A 169 -17.61 6.09 -11.54
C GLU A 169 -18.93 5.45 -11.15
PG GNP B . 8.21 1.51 9.53
O1G GNP B . 9.21 1.48 10.72
O2G GNP B . 7.94 2.93 9.05
O3G GNP B . 6.90 0.74 9.83
N3B GNP B . 9.01 0.60 8.28
PB GNP B . 8.58 0.73 6.68
O1B GNP B . 7.52 -0.29 6.35
O2B GNP B . 8.36 2.17 6.28
O3A GNP B . 9.95 0.15 5.94
PA GNP B . 11.17 1.05 5.30
O1A GNP B . 10.76 1.51 3.94
O2A GNP B . 11.64 2.02 6.31
O5' GNP B . 12.19 -0.19 5.07
C5' GNP B . 12.53 -0.97 6.19
C4' GNP B . 13.78 -1.77 5.88
O4' GNP B . 13.60 -2.61 4.75
C3' GNP B . 15.03 -0.94 5.55
O3' GNP B . 16.19 -1.64 6.04
C2' GNP B . 15.03 -0.92 4.03
O2' GNP B . 16.29 -0.77 3.47
C1' GNP B . 14.48 -2.30 3.70
N9 GNP B . 13.79 -2.39 2.44
C8 GNP B . 12.67 -1.68 2.06
N7 GNP B . 12.27 -1.99 0.88
C5 GNP B . 13.16 -2.93 0.42
C6 GNP B . 13.23 -3.65 -0.79
O6 GNP B . 12.49 -3.57 -1.77
N1 GNP B . 14.32 -4.53 -0.84
C2 GNP B . 15.20 -4.72 0.19
N2 GNP B . 16.17 -5.61 -0.03
N3 GNP B . 15.13 -4.06 1.32
C4 GNP B . 14.10 -3.20 1.40
HNB3 GNP B . 9.89 0.63 8.38
H5'2 GNP B . 11.82 -1.59 6.42
H5'1 GNP B . 12.69 -0.42 6.97
H4' GNP B . 13.95 -2.31 6.67
H3' GNP B . 14.97 -0.05 5.93
HO3' GNP B . 16.88 -1.21 5.80
H2' GNP B . 14.41 -0.22 3.79
HO2' GNP B . 16.65 -0.06 3.78
H1' GNP B . 15.22 -2.93 3.62
H8 GNP B . 12.28 -1.05 2.62
HN1 GNP B . 14.44 -4.96 -1.58
HN21 GNP B . 16.79 -5.73 0.61
HN22 GNP B . 16.22 -6.09 -0.78
MG MG C . 8.16 3.86 7.30
N1 A1CG4 D . 0.20 -2.03 13.82
N3 A1CG4 D . -7.54 2.51 14.18
C4 A1CG4 D . -2.14 -1.37 12.57
C5 A1CG4 D . -1.27 0.76 11.80
C6 A1CG4 D . -2.46 1.04 11.19
C7 A1CG4 D . -3.54 0.13 11.22
C8 A1CG4 D . -3.35 -1.06 11.92
C10 A1CG4 D . -5.91 0.99 11.29
C13 A1CG4 D . -6.28 0.33 8.60
C15 A1CG4 D . -5.98 1.42 12.66
C17 A1CG4 D . 0.54 -4.43 14.80
C20 A1CG4 D . 0.36 -5.86 15.28
C21 A1CG4 D . -1.85 -6.56 15.90
C22 A1CG4 D . -1.28 -7.59 14.94
C24 A1CG4 D . 1.62 -6.38 15.97
C26 A1CG4 D . -0.04 -6.40 17.60
C28 A1CG4 D . 3.85 -1.72 15.49
C1 A1CG4 D . -0.88 -2.82 13.82
C11 A1CG4 D . -7.13 1.24 10.62
C12 A1CG4 D . -7.30 0.91 9.29
C14 A1CG4 D . -5.06 0.09 9.23
C16 A1CG4 D . -7.18 1.99 13.00
C18 A1CG4 D . 2.57 -0.54 13.85
C19 A1CG4 D . 1.10 1.41 13.58
C2 A1CG4 D . 0.12 -0.82 13.24
C23 A1CG4 D . -0.18 -6.82 14.22
C25 A1CG4 D . 1.41 -5.98 17.42
C27 A1CG4 D . 2.63 -0.83 15.36
C29 A1CG4 D . 3.05 -1.85 13.20
C3 A1CG4 D . -1.08 -0.44 12.52
C30 A1CG4 D . 4.27 -3.76 14.09
C31 A1CG4 D . 1.66 2.26 12.46
C32 A1CG4 D . 5.43 -5.58 14.92
C33 A1CG4 D . -2.58 2.30 10.39
C34 A1CG4 D . -4.91 1.40 13.59
C9 A1CG4 D . -4.84 0.41 10.58
F1 A1CG4 D . -8.49 1.15 8.72
F2 A1CG4 D . -4.35 -1.95 12.01
F3 A1CG4 D . -0.68 -8.64 15.61
F4 A1CG4 D . -3.57 3.07 10.78
F5 A1CG4 D . -1.44 2.99 10.36
F6 A1CG4 D . -2.78 2.05 9.08
N2 A1CG4 D . -2.03 -2.57 13.22
N4 A1CG4 D . 1.23 -0.04 13.42
N5 A1CG4 D . -0.66 -5.83 16.38
N6 A1CG4 D . 3.78 -2.54 14.28
N7 A1CG4 D . -4.04 1.38 14.34
O1 A1CG4 D . -0.77 -4.02 14.40
O2 A1CG4 D . 4.88 -4.27 15.16
O3 A1CG4 D . 4.21 -4.35 13.06
S1 A1CG4 D . -8.31 1.96 11.67
H1 A1CG4 D . -8.33 2.84 14.27
H2 A1CG4 D . -6.98 2.51 14.83
H3 A1CG4 D . -0.56 1.38 11.73
H4 A1CG4 D . -6.39 0.11 7.69
H5 A1CG4 D . 0.91 -3.87 15.51
H6 A1CG4 D . 1.17 -4.40 14.04
H7 A1CG4 D . -2.31 -6.99 16.63
H8 A1CG4 D . -2.46 -5.95 15.44
H9 A1CG4 D . -1.99 -7.92 14.34
H10 A1CG4 D . 2.41 -5.96 15.61
H11 A1CG4 D . 1.69 -7.34 15.88
H12 A1CG4 D . -0.13 -7.38 17.63
H13 A1CG4 D . -0.43 -6.01 18.42
H14 A1CG4 D . 3.80 -2.28 16.30
H15 A1CG4 D . 4.68 -1.19 15.52
H16 A1CG4 D . -4.36 -0.31 8.74
H17 A1CG4 D . 3.23 0.13 13.58
H18 A1CG4 D . 0.15 1.62 13.67
H19 A1CG4 D . 1.55 1.67 14.41
H20 A1CG4 D . 0.52 -7.42 13.90
H21 A1CG4 D . -0.55 -6.32 13.45
H22 A1CG4 D . 1.54 -5.02 17.56
H23 A1CG4 D . 2.00 -6.47 18.02
H24 A1CG4 D . 2.76 0.00 15.85
H25 A1CG4 D . 1.83 -1.31 15.64
H26 A1CG4 D . 3.66 -1.67 12.44
H27 A1CG4 D . 2.28 -2.41 12.89
H28 A1CG4 D . 1.35 3.18 12.56
H29 A1CG4 D . 1.37 1.90 11.60
H30 A1CG4 D . 2.64 2.24 12.50
H31 A1CG4 D . 4.72 -6.20 14.67
H32 A1CG4 D . 5.88 -5.90 15.72
H33 A1CG4 D . 6.09 -5.53 14.19
MG MG E . 9.40 0.79 12.54
#